data_5OA8
#
_entry.id   5OA8
#
_cell.length_a   73.090
_cell.length_b   120.060
_cell.length_c   67.020
_cell.angle_alpha   90.00
_cell.angle_beta   90.00
_cell.angle_gamma   90.00
#
_symmetry.space_group_name_H-M   'C 2 2 21'
#
loop_
_entity.id
_entity.type
_entity.pdbx_description
1 polymer 'Iron/alpha-ketoglutarate-dependent dioxygenase asqJ'
2 non-polymer 'NICKEL (II) ION'
3 non-polymer '2-OXOGLUTARIC ACID'
4 non-polymer 'demethylated cyclopeptin'
5 water water
#
_entity_poly.entity_id   1
_entity_poly.type   'polypeptide(L)'
_entity_poly.pdbx_seq_one_letter_code
;STSKDHVKSQIPRLSAINDLHKIWPTVEEHGAAIIESFLSLDIVRRLNEEVDPFVKIEPIPAAKTKDHPNHILSTTTRLV
NVLAPISKAYREDVLNSKVLHRICSDAFHVYGDYWVLMGAVMELAPSNPAQPLHRDMRFSHPIVEYLKPDAPATSINFLV
ALSPFTAENGATHVILGSHKWQNLSNVSMDATVRALMNPGDALLITDSTIHCGGAETTGTETRRLLTITMGISQLTPLES
NLAVPRPVIESLTPLAQRLLGWASQRSAAPRDIGLLTIRGNSIEKTMNLKAEQPLHDDEAEPLCRETI
;
_entity_poly.pdbx_strand_id   A
#
# COMPACT_ATOMS: atom_id res chain seq x y z
N LYS A 8 19.85 -7.18 18.31
CA LYS A 8 18.40 -6.87 18.05
C LYS A 8 17.78 -7.81 17.02
N SER A 9 16.53 -8.17 17.24
CA SER A 9 15.85 -9.20 16.44
C SER A 9 15.41 -8.68 15.08
N GLN A 10 15.40 -9.58 14.09
CA GLN A 10 15.08 -9.24 12.71
C GLN A 10 13.58 -9.23 12.47
N ILE A 11 13.17 -8.71 11.30
CA ILE A 11 11.76 -8.68 10.92
C ILE A 11 11.30 -10.12 10.71
N PRO A 12 10.17 -10.52 11.33
CA PRO A 12 9.64 -11.88 11.09
C PRO A 12 9.30 -12.15 9.63
N ARG A 13 9.71 -13.32 9.15
CA ARG A 13 9.47 -13.75 7.78
C ARG A 13 8.44 -14.85 7.78
N LEU A 14 7.43 -14.70 6.92
CA LEU A 14 6.31 -15.62 6.89
C LEU A 14 5.99 -16.07 5.46
N SER A 15 5.50 -17.31 5.34
CA SER A 15 5.05 -17.85 4.08
C SER A 15 3.64 -17.36 3.77
N ALA A 16 3.45 -16.89 2.54
CA ALA A 16 2.13 -16.56 2.02
C ALA A 16 1.26 -17.81 1.86
N ILE A 17 1.90 -18.93 1.53
CA ILE A 17 1.21 -20.20 1.28
C ILE A 17 0.81 -20.88 2.60
N ASN A 18 1.76 -21.02 3.52
CA ASN A 18 1.59 -21.83 4.74
C ASN A 18 1.16 -21.05 5.99
N ASP A 19 1.73 -19.86 6.20
CA ASP A 19 1.57 -19.12 7.47
C ASP A 19 0.52 -18.00 7.40
N LEU A 20 -0.53 -18.19 6.61
CA LEU A 20 -1.43 -17.08 6.26
C LEU A 20 -2.15 -16.47 7.47
N HIS A 21 -2.69 -17.34 8.31
CA HIS A 21 -3.33 -16.91 9.57
C HIS A 21 -2.39 -16.24 10.59
N LYS A 22 -1.08 -16.47 10.46
CA LYS A 22 -0.08 -15.88 11.36
C LYS A 22 0.36 -14.48 10.97
N ILE A 23 0.06 -14.04 9.75
CA ILE A 23 0.61 -12.78 9.23
C ILE A 23 0.11 -11.58 10.02
N TRP A 24 -1.20 -11.39 10.11
CA TRP A 24 -1.71 -10.22 10.84
C TRP A 24 -1.36 -10.22 12.34
N PRO A 25 -1.54 -11.36 13.05
CA PRO A 25 -1.08 -11.43 14.43
C PRO A 25 0.39 -11.03 14.63
N THR A 26 1.25 -11.39 13.67
CA THR A 26 2.67 -11.03 13.73
C THR A 26 2.88 -9.53 13.62
N VAL A 27 2.22 -8.90 12.64
CA VAL A 27 2.32 -7.44 12.45
C VAL A 27 1.73 -6.71 13.65
N GLU A 28 0.59 -7.21 14.13
CA GLU A 28 -0.03 -6.69 15.35
C GLU A 28 0.94 -6.64 16.54
N GLU A 29 1.76 -7.69 16.69
CA GLU A 29 2.72 -7.78 17.79
C GLU A 29 3.98 -6.95 17.56
N HIS A 30 4.59 -7.08 16.38
CA HIS A 30 5.91 -6.52 16.08
C HIS A 30 5.93 -5.25 15.23
N GLY A 31 4.79 -4.92 14.60
CA GLY A 31 4.70 -3.74 13.72
C GLY A 31 5.11 -3.97 12.28
N ALA A 32 5.68 -5.15 11.98
CA ALA A 32 6.16 -5.45 10.66
C ALA A 32 6.34 -6.95 10.46
N ALA A 33 6.15 -7.39 9.22
CA ALA A 33 6.41 -8.77 8.82
C ALA A 33 6.77 -8.79 7.35
N ILE A 34 7.63 -9.72 6.96
CA ILE A 34 7.94 -9.93 5.56
C ILE A 34 7.16 -11.15 5.09
N ILE A 35 6.35 -10.95 4.06
CA ILE A 35 5.56 -12.00 3.44
C ILE A 35 6.33 -12.47 2.21
N GLU A 36 6.93 -13.66 2.31
CA GLU A 36 7.74 -14.19 1.21
C GLU A 36 6.83 -14.66 0.08
N SER A 37 7.21 -14.31 -1.15
CA SER A 37 6.43 -14.61 -2.36
C SER A 37 4.96 -14.19 -2.25
N PHE A 38 4.76 -12.94 -1.82
CA PHE A 38 3.43 -12.35 -1.76
C PHE A 38 2.82 -12.30 -3.16
N LEU A 39 3.63 -11.85 -4.12
CA LEU A 39 3.30 -11.96 -5.54
C LEU A 39 4.27 -12.92 -6.19
N SER A 40 3.76 -13.74 -7.11
CA SER A 40 4.61 -14.63 -7.91
C SER A 40 5.50 -13.83 -8.84
N LEU A 41 6.60 -14.45 -9.27
CA LEU A 41 7.52 -13.82 -10.23
C LEU A 41 6.84 -13.49 -11.56
N ASP A 42 5.87 -14.30 -11.98
CA ASP A 42 5.09 -14.00 -13.19
C ASP A 42 4.29 -12.70 -13.03
N ILE A 43 3.63 -12.52 -11.90
CA ILE A 43 2.85 -11.31 -11.63
C ILE A 43 3.78 -10.08 -11.56
N VAL A 44 4.92 -10.23 -10.88
CA VAL A 44 5.94 -9.17 -10.82
C VAL A 44 6.41 -8.77 -12.23
N ARG A 45 6.70 -9.78 -13.05
CA ARG A 45 7.16 -9.55 -14.44
C ARG A 45 6.16 -8.75 -15.26
N ARG A 46 4.89 -9.15 -15.20
CA ARG A 46 3.83 -8.48 -15.97
C ARG A 46 3.55 -7.06 -15.45
N LEU A 47 3.52 -6.93 -14.12
CA LEU A 47 3.36 -5.64 -13.44
C LEU A 47 4.44 -4.65 -13.89
N ASN A 48 5.70 -5.11 -13.84
CA ASN A 48 6.84 -4.28 -14.24
C ASN A 48 6.76 -3.83 -15.69
N GLU A 49 6.48 -4.78 -16.59
CA GLU A 49 6.34 -4.54 -18.02
C GLU A 49 5.26 -3.49 -18.31
N GLU A 50 4.12 -3.63 -17.65
CA GLU A 50 2.97 -2.74 -17.86
C GLU A 50 3.20 -1.31 -17.32
N VAL A 51 3.85 -1.16 -16.17
CA VAL A 51 4.11 0.16 -15.58
C VAL A 51 5.39 0.87 -16.08
N ASP A 52 6.33 0.10 -16.63
CA ASP A 52 7.61 0.62 -17.17
C ASP A 52 7.53 2.00 -17.86
N PRO A 53 6.72 2.10 -18.94
CA PRO A 53 6.66 3.40 -19.64
C PRO A 53 6.10 4.56 -18.80
N PHE A 54 5.14 4.27 -17.92
CA PHE A 54 4.53 5.29 -17.08
C PHE A 54 5.50 5.82 -16.02
N VAL A 55 6.40 4.97 -15.55
CA VAL A 55 7.48 5.39 -14.64
C VAL A 55 8.46 6.33 -15.37
N LYS A 56 8.81 5.98 -16.62
CA LYS A 56 9.74 6.80 -17.41
C LYS A 56 9.23 8.21 -17.75
N ILE A 57 7.94 8.34 -18.03
CA ILE A 57 7.34 9.65 -18.37
C ILE A 57 6.96 10.50 -17.15
N GLU A 58 6.97 9.91 -15.96
CA GLU A 58 6.57 10.60 -14.73
C GLU A 58 7.56 11.74 -14.41
N PRO A 59 7.05 12.98 -14.21
CA PRO A 59 7.96 14.06 -13.79
C PRO A 59 8.38 13.94 -12.33
N ILE A 60 9.16 14.92 -11.86
CA ILE A 60 9.55 14.97 -10.44
C ILE A 60 8.29 15.07 -9.56
N PRO A 61 8.36 14.59 -8.29
CA PRO A 61 7.17 14.62 -7.42
C PRO A 61 6.55 16.00 -7.21
N ALA A 62 7.40 17.04 -7.12
CA ALA A 62 6.93 18.42 -6.93
C ALA A 62 7.00 19.25 -8.23
N ALA A 63 6.72 18.62 -9.37
CA ALA A 63 6.79 19.33 -10.66
C ALA A 63 5.83 20.51 -10.70
N LYS A 64 6.26 21.61 -11.32
CA LYS A 64 5.45 22.85 -11.39
C LYS A 64 4.15 22.70 -12.20
N THR A 65 4.13 21.72 -13.10
CA THR A 65 2.93 21.35 -13.85
C THR A 65 1.77 20.75 -13.00
N LYS A 66 2.08 20.25 -11.80
CA LYS A 66 1.10 19.59 -10.93
C LYS A 66 0.38 20.56 -9.98
N ASP A 67 -0.95 20.42 -9.85
CA ASP A 67 -1.70 21.21 -8.84
C ASP A 67 -1.77 20.53 -7.46
N HIS A 68 -1.40 19.25 -7.38
CA HIS A 68 -1.15 18.57 -6.09
C HIS A 68 0.29 18.02 -6.04
N PRO A 69 1.30 18.90 -6.02
CA PRO A 69 2.68 18.43 -5.96
C PRO A 69 3.00 17.74 -4.64
N ASN A 70 3.87 16.73 -4.71
CA ASN A 70 4.39 16.05 -3.53
C ASN A 70 5.73 16.69 -3.18
N HIS A 71 5.75 17.49 -2.11
CA HIS A 71 6.96 18.19 -1.66
C HIS A 71 7.80 17.38 -0.66
N ILE A 72 7.40 16.13 -0.38
CA ILE A 72 8.05 15.25 0.60
CA ILE A 72 8.11 15.29 0.60
C ILE A 72 9.13 14.39 -0.07
N LEU A 73 8.74 13.74 -1.17
CA LEU A 73 9.61 12.78 -1.85
C LEU A 73 10.79 13.47 -2.55
N SER A 74 11.91 12.78 -2.61
CA SER A 74 13.12 13.32 -3.24
C SER A 74 12.93 13.47 -4.75
N THR A 75 13.73 14.34 -5.36
CA THR A 75 13.72 14.52 -6.81
C THR A 75 14.19 13.26 -7.58
N THR A 76 14.90 12.36 -6.90
CA THR A 76 15.26 11.04 -7.44
C THR A 76 14.22 9.93 -7.12
N THR A 77 12.98 10.32 -6.83
CA THR A 77 11.88 9.39 -6.68
C THR A 77 10.91 9.64 -7.83
N ARG A 78 10.33 8.55 -8.36
CA ARG A 78 9.21 8.64 -9.29
C ARG A 78 8.09 7.77 -8.76
N LEU A 79 6.90 8.36 -8.62
CA LEU A 79 5.73 7.68 -8.06
C LEU A 79 4.61 7.74 -9.09
N VAL A 80 4.06 6.58 -9.41
CA VAL A 80 2.94 6.44 -10.36
C VAL A 80 1.80 5.73 -9.65
N ASN A 81 0.69 6.44 -9.45
CA ASN A 81 -0.50 5.84 -8.83
C ASN A 81 -1.66 5.71 -9.84
N VAL A 82 -2.86 5.34 -9.36
CA VAL A 82 -4.02 5.02 -10.21
C VAL A 82 -3.58 3.96 -11.23
N LEU A 83 -3.21 2.80 -10.73
CA LEU A 83 -2.63 1.73 -11.55
C LEU A 83 -3.66 0.90 -12.32
N ALA A 84 -4.92 0.89 -11.88
CA ALA A 84 -5.95 0.09 -12.55
C ALA A 84 -6.00 0.24 -14.09
N PRO A 85 -6.05 1.49 -14.62
CA PRO A 85 -6.05 1.63 -16.08
C PRO A 85 -4.75 1.24 -16.79
N ILE A 86 -3.63 1.28 -16.07
CA ILE A 86 -2.30 0.96 -16.61
C ILE A 86 -2.03 -0.55 -16.68
N SER A 87 -2.40 -1.28 -15.62
CA SER A 87 -1.89 -2.64 -15.41
C SER A 87 -2.99 -3.71 -15.22
N LYS A 88 -3.04 -4.65 -16.17
CA LYS A 88 -3.93 -5.81 -16.09
C LYS A 88 -3.57 -6.69 -14.90
N ALA A 89 -2.27 -6.88 -14.65
CA ALA A 89 -1.78 -7.66 -13.51
C ALA A 89 -2.19 -7.06 -12.18
N TYR A 90 -2.16 -5.74 -12.08
CA TYR A 90 -2.60 -5.04 -10.87
C TYR A 90 -4.10 -5.23 -10.64
N ARG A 91 -4.88 -4.82 -11.63
CA ARG A 91 -6.35 -4.78 -11.47
C ARG A 91 -7.00 -6.16 -11.34
N GLU A 92 -6.36 -7.19 -11.89
CA GLU A 92 -6.86 -8.56 -11.81
C GLU A 92 -6.18 -9.35 -10.69
N ASP A 93 -4.87 -9.55 -10.77
CA ASP A 93 -4.17 -10.42 -9.81
C ASP A 93 -3.97 -9.76 -8.44
N VAL A 94 -3.50 -8.51 -8.41
CA VAL A 94 -3.16 -7.86 -7.13
C VAL A 94 -4.42 -7.51 -6.35
N LEU A 95 -5.38 -6.86 -7.01
CA LEU A 95 -6.63 -6.45 -6.36
C LEU A 95 -7.52 -7.63 -5.87
N ASN A 96 -7.31 -8.83 -6.43
CA ASN A 96 -8.02 -10.04 -5.98
C ASN A 96 -7.15 -11.03 -5.19
N SER A 97 -5.97 -10.58 -4.76
CA SER A 97 -5.04 -11.42 -3.99
C SER A 97 -5.70 -12.02 -2.74
N LYS A 98 -5.80 -13.34 -2.70
CA LYS A 98 -6.35 -14.05 -1.54
C LYS A 98 -5.59 -13.68 -0.25
N VAL A 99 -4.27 -13.55 -0.35
CA VAL A 99 -3.43 -13.24 0.80
C VAL A 99 -3.70 -11.84 1.33
N LEU A 100 -3.72 -10.85 0.42
CA LEU A 100 -4.03 -9.47 0.78
C LEU A 100 -5.38 -9.36 1.49
N HIS A 101 -6.39 -10.02 0.91
CA HIS A 101 -7.75 -9.94 1.46
C HIS A 101 -7.94 -10.64 2.80
N ARG A 102 -7.23 -11.74 3.03
CA ARG A 102 -7.27 -12.38 4.35
C ARG A 102 -6.63 -11.48 5.41
N ILE A 103 -5.48 -10.90 5.08
CA ILE A 103 -4.78 -10.01 6.00
C ILE A 103 -5.64 -8.79 6.32
N CYS A 104 -6.22 -8.19 5.28
CA CYS A 104 -7.05 -6.98 5.45
C CYS A 104 -8.31 -7.24 6.26
N SER A 105 -8.96 -8.38 6.02
CA SER A 105 -10.15 -8.73 6.80
C SER A 105 -9.78 -9.05 8.26
N ASP A 106 -8.62 -9.68 8.48
CA ASP A 106 -8.08 -9.86 9.83
C ASP A 106 -7.81 -8.50 10.51
N ALA A 107 -7.18 -7.59 9.77
CA ALA A 107 -6.79 -6.28 10.31
C ALA A 107 -7.94 -5.34 10.59
N PHE A 108 -8.93 -5.30 9.69
CA PHE A 108 -9.96 -4.25 9.72
C PHE A 108 -11.36 -4.69 10.13
N HIS A 109 -11.51 -5.93 10.61
CA HIS A 109 -12.83 -6.45 11.01
C HIS A 109 -13.55 -5.59 12.05
N VAL A 110 -12.80 -4.98 12.97
CA VAL A 110 -13.38 -4.10 14.00
C VAL A 110 -14.11 -2.89 13.38
N TYR A 111 -13.59 -2.39 12.25
CA TYR A 111 -14.12 -1.20 11.59
C TYR A 111 -15.14 -1.47 10.49
N GLY A 112 -14.91 -2.54 9.72
CA GLY A 112 -15.80 -2.91 8.60
C GLY A 112 -15.02 -3.05 7.29
N ASP A 113 -15.66 -2.67 6.19
CA ASP A 113 -15.02 -2.73 4.86
C ASP A 113 -13.76 -1.90 4.78
N TYR A 114 -12.87 -2.32 3.88
CA TYR A 114 -11.62 -1.64 3.58
C TYR A 114 -11.52 -1.47 2.05
N TRP A 115 -10.64 -0.56 1.65
CA TRP A 115 -10.37 -0.30 0.24
C TRP A 115 -8.95 0.22 0.05
N VAL A 116 -8.59 0.50 -1.20
CA VAL A 116 -7.25 0.98 -1.53
C VAL A 116 -7.20 2.48 -1.30
N LEU A 117 -6.37 2.91 -0.35
CA LEU A 117 -6.10 4.33 -0.15
C LEU A 117 -5.10 4.82 -1.20
N MET A 118 -4.09 4.01 -1.50
CA MET A 118 -3.25 4.26 -2.66
C MET A 118 -2.50 3.00 -3.06
N GLY A 119 -2.53 2.70 -4.36
CA GLY A 119 -1.68 1.70 -4.99
C GLY A 119 -0.73 2.41 -5.93
N ALA A 120 0.55 2.42 -5.60
CA ALA A 120 1.55 3.13 -6.41
C ALA A 120 2.81 2.32 -6.62
N VAL A 121 3.39 2.49 -7.80
CA VAL A 121 4.73 2.02 -8.09
C VAL A 121 5.66 3.18 -7.76
N MET A 122 6.69 2.91 -6.97
CA MET A 122 7.75 3.88 -6.67
C MET A 122 9.05 3.33 -7.23
N GLU A 123 9.76 4.17 -8.00
CA GLU A 123 11.09 3.83 -8.48
C GLU A 123 12.09 4.85 -7.95
N LEU A 124 13.13 4.34 -7.30
CA LEU A 124 14.18 5.17 -6.71
C LEU A 124 15.40 5.10 -7.61
N ALA A 125 15.86 6.26 -8.08
CA ALA A 125 17.02 6.32 -8.98
C ALA A 125 18.30 5.98 -8.23
N PRO A 126 19.39 5.64 -8.95
CA PRO A 126 20.66 5.44 -8.26
C PRO A 126 21.05 6.65 -7.39
N SER A 127 21.64 6.37 -6.23
CA SER A 127 22.07 7.39 -5.26
C SER A 127 20.91 8.12 -4.54
N ASN A 128 19.70 7.54 -4.57
CA ASN A 128 18.58 8.09 -3.82
C ASN A 128 18.92 8.08 -2.34
N PRO A 129 18.82 9.25 -1.65
CA PRO A 129 19.12 9.23 -0.22
C PRO A 129 18.02 8.58 0.61
N ALA A 130 18.37 8.21 1.84
CA ALA A 130 17.41 7.63 2.76
C ALA A 130 16.34 8.65 3.10
N GLN A 131 15.11 8.19 3.23
CA GLN A 131 14.03 9.04 3.74
C GLN A 131 14.24 9.23 5.24
N PRO A 132 13.75 10.36 5.80
CA PRO A 132 13.71 10.46 7.26
C PRO A 132 12.76 9.42 7.83
N LEU A 133 13.05 8.96 9.05
CA LEU A 133 12.15 8.04 9.75
C LEU A 133 10.79 8.71 9.96
N HIS A 134 9.74 7.95 9.69
CA HIS A 134 8.39 8.51 9.73
C HIS A 134 7.31 7.44 9.93
N ARG A 135 6.13 7.92 10.26
CA ARG A 135 4.89 7.15 10.17
C ARG A 135 4.16 7.66 8.93
N ASP A 136 3.49 6.75 8.22
CA ASP A 136 2.72 7.13 7.03
C ASP A 136 1.44 7.85 7.44
N MET A 137 0.80 8.47 6.44
CA MET A 137 -0.53 9.11 6.54
C MET A 137 -0.55 10.53 7.13
N ARG A 138 0.59 11.05 7.56
CA ARG A 138 0.62 12.36 8.24
C ARG A 138 0.53 13.58 7.30
N PHE A 139 0.74 13.38 6.01
CA PHE A 139 0.64 14.47 5.02
C PHE A 139 -0.68 14.48 4.23
N SER A 140 -1.59 13.59 4.60
CA SER A 140 -2.89 13.43 3.95
C SER A 140 -4.06 13.26 4.93
N HIS A 141 -3.84 12.58 6.05
CA HIS A 141 -4.89 12.31 7.03
C HIS A 141 -4.50 12.73 8.46
N PRO A 142 -4.46 14.05 8.72
CA PRO A 142 -4.25 14.58 10.08
C PRO A 142 -5.14 13.94 11.16
N ILE A 143 -6.35 13.50 10.78
CA ILE A 143 -7.24 12.78 11.69
C ILE A 143 -6.57 11.61 12.43
N VAL A 144 -5.67 10.90 11.74
CA VAL A 144 -5.06 9.68 12.30
C VAL A 144 -4.28 9.96 13.58
N GLU A 145 -3.62 11.12 13.66
CA GLU A 145 -2.87 11.51 14.87
C GLU A 145 -3.76 11.72 16.11
N TYR A 146 -5.04 12.01 15.90
CA TYR A 146 -6.01 12.20 16.99
C TYR A 146 -6.68 10.89 17.48
N LEU A 147 -6.33 9.75 16.89
CA LEU A 147 -6.84 8.47 17.38
C LEU A 147 -6.17 8.10 18.70
N LYS A 148 -6.93 7.43 19.57
CA LYS A 148 -6.38 6.93 20.84
C LYS A 148 -5.24 5.95 20.56
N PRO A 149 -4.22 5.88 21.44
CA PRO A 149 -3.08 4.96 21.27
C PRO A 149 -3.43 3.49 20.99
N ASP A 150 -4.45 2.97 21.66
CA ASP A 150 -4.86 1.56 21.51
C ASP A 150 -5.88 1.33 20.39
N ALA A 151 -6.23 2.37 19.62
CA ALA A 151 -7.13 2.21 18.48
C ALA A 151 -6.50 1.25 17.46
N PRO A 152 -7.28 0.26 16.97
CA PRO A 152 -6.70 -0.62 15.94
C PRO A 152 -6.27 0.18 14.71
N ALA A 153 -5.20 -0.27 14.06
CA ALA A 153 -4.68 0.40 12.87
C ALA A 153 -5.79 0.59 11.83
N THR A 154 -5.91 1.82 11.32
CA THR A 154 -6.93 2.16 10.33
C THR A 154 -6.40 2.06 8.90
N SER A 155 -5.09 1.93 8.74
CA SER A 155 -4.49 1.59 7.46
C SER A 155 -3.21 0.79 7.65
N ILE A 156 -2.87 0.01 6.63
CA ILE A 156 -1.64 -0.78 6.57
C ILE A 156 -1.05 -0.62 5.18
N ASN A 157 0.26 -0.86 5.07
CA ASN A 157 0.99 -0.64 3.81
C ASN A 157 1.75 -1.91 3.45
N PHE A 158 1.42 -2.47 2.28
CA PHE A 158 2.18 -3.57 1.67
C PHE A 158 3.24 -2.95 0.76
N LEU A 159 4.51 -3.08 1.17
CA LEU A 159 5.64 -2.60 0.37
CA LEU A 159 5.63 -2.59 0.38
C LEU A 159 6.22 -3.79 -0.38
N VAL A 160 5.76 -3.98 -1.62
CA VAL A 160 6.10 -5.15 -2.43
C VAL A 160 7.35 -4.86 -3.27
N ALA A 161 8.37 -5.69 -3.11
CA ALA A 161 9.59 -5.58 -3.92
C ALA A 161 9.30 -5.95 -5.38
N LEU A 162 9.56 -5.02 -6.30
CA LEU A 162 9.51 -5.30 -7.74
C LEU A 162 10.90 -5.50 -8.33
N SER A 163 11.93 -5.19 -7.55
CA SER A 163 13.32 -5.53 -7.84
C SER A 163 13.96 -5.89 -6.48
N PRO A 164 15.21 -6.40 -6.48
CA PRO A 164 15.82 -6.78 -5.20
C PRO A 164 16.01 -5.63 -4.19
N PHE A 165 15.68 -5.89 -2.93
CA PHE A 165 15.93 -4.97 -1.82
C PHE A 165 17.15 -5.50 -1.07
N THR A 166 18.25 -4.75 -1.10
CA THR A 166 19.48 -5.09 -0.39
C THR A 166 19.88 -3.94 0.53
N ALA A 167 20.75 -4.24 1.49
CA ALA A 167 21.28 -3.21 2.40
C ALA A 167 21.95 -2.07 1.65
N GLU A 168 22.74 -2.41 0.62
CA GLU A 168 23.48 -1.41 -0.15
C GLU A 168 22.65 -0.60 -1.16
N ASN A 169 21.51 -1.13 -1.62
CA ASN A 169 20.68 -0.42 -2.61
C ASN A 169 19.43 0.27 -2.03
N GLY A 170 19.33 0.32 -0.70
CA GLY A 170 18.32 1.12 -0.02
C GLY A 170 17.11 0.39 0.55
N ALA A 171 17.26 -0.90 0.84
CA ALA A 171 16.21 -1.69 1.50
C ALA A 171 15.58 -0.92 2.66
N THR A 172 14.25 -1.02 2.79
CA THR A 172 13.50 -0.30 3.81
C THR A 172 14.01 -0.60 5.22
N HIS A 173 14.05 0.43 6.07
CA HIS A 173 14.34 0.30 7.49
C HIS A 173 13.02 0.32 8.25
N VAL A 174 12.91 -0.49 9.30
CA VAL A 174 11.79 -0.42 10.24
C VAL A 174 12.30 -0.50 11.67
N ILE A 175 11.58 0.11 12.60
CA ILE A 175 11.82 -0.06 14.03
C ILE A 175 10.75 -1.00 14.56
N LEU A 176 11.13 -2.24 14.90
CA LEU A 176 10.19 -3.21 15.45
C LEU A 176 9.65 -2.73 16.79
N GLY A 177 8.35 -2.95 17.00
CA GLY A 177 7.64 -2.48 18.19
C GLY A 177 7.25 -1.01 18.20
N SER A 178 7.66 -0.24 17.18
CA SER A 178 7.48 1.22 17.19
C SER A 178 6.04 1.66 16.95
N HIS A 179 5.22 0.76 16.40
CA HIS A 179 3.77 0.98 16.30
C HIS A 179 3.05 1.19 17.63
N LYS A 180 3.64 0.71 18.73
CA LYS A 180 3.12 0.95 20.08
C LYS A 180 3.76 2.13 20.82
N TRP A 181 4.73 2.81 20.20
CA TRP A 181 5.43 3.93 20.84
C TRP A 181 4.54 5.17 20.88
N GLN A 182 4.52 5.84 22.03
CA GLN A 182 3.88 7.14 22.18
C GLN A 182 4.96 8.22 22.26
N ASN A 183 5.93 8.02 23.16
CA ASN A 183 7.11 8.89 23.25
C ASN A 183 8.10 8.53 22.13
N LEU A 184 8.42 9.51 21.28
CA LEU A 184 9.33 9.33 20.14
C LEU A 184 10.69 10.00 20.36
N SER A 185 11.27 9.80 21.55
CA SER A 185 12.58 10.34 21.89
C SER A 185 13.72 9.39 21.48
N ASN A 186 13.44 8.09 21.46
CA ASN A 186 14.42 7.06 21.06
C ASN A 186 14.42 6.73 19.55
N VAL A 187 13.72 7.53 18.74
CA VAL A 187 13.72 7.35 17.28
C VAL A 187 15.12 7.65 16.73
N SER A 188 15.76 6.61 16.19
CA SER A 188 17.08 6.71 15.62
C SER A 188 17.26 5.59 14.60
N MET A 189 18.15 5.80 13.64
CA MET A 189 18.54 4.73 12.71
C MET A 189 19.24 3.57 13.42
N ASP A 190 19.83 3.85 14.59
CA ASP A 190 20.41 2.80 15.47
C ASP A 190 19.39 1.74 15.90
N ALA A 191 18.11 2.12 16.01
CA ALA A 191 17.05 1.20 16.42
C ALA A 191 16.44 0.37 15.27
N THR A 192 16.89 0.56 14.02
CA THR A 192 16.25 -0.07 12.86
C THR A 192 16.82 -1.44 12.48
N VAL A 193 15.98 -2.21 11.79
CA VAL A 193 16.39 -3.42 11.05
C VAL A 193 15.91 -3.29 9.61
N ARG A 194 16.47 -4.11 8.72
CA ARG A 194 16.25 -3.97 7.27
C ARG A 194 15.30 -5.02 6.73
N ALA A 195 14.54 -4.63 5.70
CA ALA A 195 13.70 -5.54 4.93
C ALA A 195 14.45 -5.99 3.68
N LEU A 196 15.29 -7.01 3.86
CA LEU A 196 15.99 -7.62 2.73
C LEU A 196 14.97 -8.52 2.04
N MET A 197 14.76 -8.32 0.74
CA MET A 197 13.68 -8.98 0.03
C MET A 197 14.04 -9.28 -1.42
N ASN A 198 13.52 -10.41 -1.91
CA ASN A 198 13.58 -10.76 -3.31
C ASN A 198 12.33 -10.17 -3.98
N PRO A 199 12.38 -9.96 -5.31
CA PRO A 199 11.17 -9.49 -6.02
C PRO A 199 9.96 -10.37 -5.74
N GLY A 200 8.81 -9.75 -5.43
CA GLY A 200 7.59 -10.46 -5.06
C GLY A 200 7.37 -10.63 -3.57
N ASP A 201 8.42 -10.51 -2.76
CA ASP A 201 8.26 -10.45 -1.30
C ASP A 201 7.67 -9.09 -0.94
N ALA A 202 6.93 -9.05 0.16
CA ALA A 202 6.27 -7.83 0.63
C ALA A 202 6.60 -7.56 2.08
N LEU A 203 6.97 -6.33 2.40
CA LEU A 203 7.07 -5.86 3.76
C LEU A 203 5.72 -5.29 4.12
N LEU A 204 5.09 -5.82 5.16
CA LEU A 204 3.82 -5.29 5.65
C LEU A 204 4.04 -4.51 6.94
N ILE A 205 3.60 -3.26 6.96
CA ILE A 205 3.67 -2.39 8.15
C ILE A 205 2.31 -1.75 8.41
N THR A 206 2.13 -1.18 9.59
CA THR A 206 0.93 -0.40 9.90
C THR A 206 1.22 1.10 9.74
N ASP A 207 0.16 1.88 9.79
CA ASP A 207 0.27 3.34 9.79
C ASP A 207 1.02 3.93 11.01
N SER A 208 1.24 3.13 12.06
CA SER A 208 2.03 3.56 13.23
C SER A 208 3.48 3.05 13.26
N THR A 209 3.83 2.12 12.38
CA THR A 209 5.21 1.61 12.30
C THR A 209 6.16 2.69 11.80
N ILE A 210 7.19 2.98 12.58
CA ILE A 210 8.21 3.94 12.21
C ILE A 210 9.16 3.25 11.24
N HIS A 211 9.39 3.86 10.09
CA HIS A 211 10.16 3.25 9.02
C HIS A 211 10.72 4.30 8.07
N CYS A 212 11.58 3.88 7.15
CA CYS A 212 12.04 4.74 6.08
C CYS A 212 12.67 3.96 4.95
N GLY A 213 12.57 4.51 3.73
CA GLY A 213 13.38 4.03 2.62
C GLY A 213 14.83 4.24 2.96
N GLY A 214 15.68 3.30 2.53
CA GLY A 214 17.11 3.33 2.81
C GLY A 214 17.88 4.10 1.77
N ALA A 215 19.17 4.32 2.06
CA ALA A 215 20.07 5.02 1.16
C ALA A 215 20.55 4.07 0.04
N GLU A 216 20.46 4.54 -1.19
CA GLU A 216 21.04 3.83 -2.33
C GLU A 216 22.51 4.23 -2.36
N THR A 217 23.40 3.28 -2.12
CA THR A 217 24.84 3.56 -1.95
C THR A 217 25.76 3.04 -3.06
N THR A 218 25.21 2.24 -3.99
CA THR A 218 26.01 1.70 -5.11
C THR A 218 26.28 2.74 -6.19
N GLY A 219 25.28 3.59 -6.46
CA GLY A 219 25.33 4.52 -7.58
C GLY A 219 24.97 3.93 -8.93
N THR A 220 24.60 2.63 -8.95
CA THR A 220 24.22 1.92 -10.18
C THR A 220 22.82 1.32 -10.17
N GLU A 221 22.32 0.89 -9.00
CA GLU A 221 21.08 0.11 -8.93
C GLU A 221 19.83 0.98 -8.79
N THR A 222 18.81 0.63 -9.57
CA THR A 222 17.48 1.25 -9.50
C THR A 222 16.57 0.29 -8.76
N ARG A 223 16.01 0.75 -7.64
CA ARG A 223 15.13 -0.04 -6.79
C ARG A 223 13.68 0.35 -7.10
N ARG A 224 12.81 -0.64 -7.26
CA ARG A 224 11.39 -0.39 -7.55
C ARG A 224 10.49 -1.17 -6.59
N LEU A 225 9.40 -0.54 -6.18
CA LEU A 225 8.42 -1.20 -5.34
C LEU A 225 7.00 -0.84 -5.72
N LEU A 226 6.09 -1.71 -5.32
CA LEU A 226 4.65 -1.47 -5.39
C LEU A 226 4.19 -1.27 -3.97
N THR A 227 3.72 -0.06 -3.65
CA THR A 227 3.22 0.26 -2.32
C THR A 227 1.69 0.25 -2.39
N ILE A 228 1.07 -0.62 -1.59
CA ILE A 228 -0.39 -0.74 -1.54
C ILE A 228 -0.83 -0.38 -0.12
N THR A 229 -1.33 0.85 0.04
CA THR A 229 -1.92 1.24 1.30
C THR A 229 -3.39 0.85 1.30
N MET A 230 -3.72 -0.10 2.17
CA MET A 230 -5.09 -0.56 2.38
C MET A 230 -5.58 0.10 3.65
N GLY A 231 -6.80 0.61 3.63
CA GLY A 231 -7.36 1.27 4.78
C GLY A 231 -8.85 1.12 4.85
N ILE A 232 -9.40 1.41 6.01
CA ILE A 232 -10.84 1.26 6.23
C ILE A 232 -11.58 2.20 5.27
N SER A 233 -12.76 1.76 4.82
CA SER A 233 -13.56 2.50 3.84
C SER A 233 -14.12 3.81 4.38
N GLN A 234 -13.99 4.02 5.68
CA GLN A 234 -14.35 5.28 6.34
C GLN A 234 -13.33 6.39 6.14
N LEU A 235 -12.13 6.06 5.64
CA LEU A 235 -11.10 7.06 5.31
C LEU A 235 -11.00 7.27 3.80
N THR A 236 -10.79 8.52 3.41
CA THR A 236 -10.76 8.90 2.00
C THR A 236 -9.44 8.49 1.34
N PRO A 237 -9.51 7.88 0.15
CA PRO A 237 -8.25 7.52 -0.52
C PRO A 237 -7.40 8.73 -0.91
N LEU A 238 -6.09 8.51 -0.97
CA LEU A 238 -5.15 9.51 -1.47
C LEU A 238 -5.33 9.71 -2.99
N GLU A 239 -5.85 8.69 -3.66
CA GLU A 239 -6.00 8.67 -5.11
C GLU A 239 -7.45 8.42 -5.52
N SER A 240 -7.82 8.94 -6.68
CA SER A 240 -9.16 8.76 -7.25
C SER A 240 -9.14 7.83 -8.46
N ASN A 241 -10.13 6.95 -8.53
CA ASN A 241 -10.40 6.18 -9.74
C ASN A 241 -11.64 6.70 -10.50
N LEU A 242 -12.04 7.94 -10.25
CA LEU A 242 -13.24 8.53 -10.87
C LEU A 242 -13.11 8.67 -12.39
N ALA A 243 -11.88 8.88 -12.88
CA ALA A 243 -11.60 9.05 -14.31
C ALA A 243 -11.24 7.74 -15.05
N VAL A 244 -11.25 6.60 -14.36
CA VAL A 244 -10.96 5.29 -14.99
C VAL A 244 -12.14 4.92 -15.89
N PRO A 245 -11.89 4.60 -17.18
CA PRO A 245 -12.98 4.26 -18.11
C PRO A 245 -13.92 3.16 -17.62
N ARG A 246 -15.21 3.32 -17.89
CA ARG A 246 -16.23 2.37 -17.42
C ARG A 246 -16.01 0.93 -17.93
N PRO A 247 -15.54 0.77 -19.19
CA PRO A 247 -15.17 -0.58 -19.65
C PRO A 247 -14.11 -1.26 -18.80
N VAL A 248 -13.10 -0.51 -18.34
CA VAL A 248 -12.08 -1.05 -17.44
C VAL A 248 -12.70 -1.45 -16.10
N ILE A 249 -13.51 -0.56 -15.52
CA ILE A 249 -14.18 -0.84 -14.24
C ILE A 249 -15.09 -2.06 -14.35
N GLU A 250 -15.86 -2.13 -15.45
CA GLU A 250 -16.76 -3.26 -15.68
C GLU A 250 -16.05 -4.59 -16.01
N SER A 251 -14.75 -4.53 -16.34
CA SER A 251 -13.92 -5.74 -16.47
C SER A 251 -13.51 -6.36 -15.12
N LEU A 252 -13.64 -5.61 -14.02
CA LEU A 252 -13.15 -6.04 -12.72
C LEU A 252 -14.16 -6.93 -12.01
N THR A 253 -13.69 -7.62 -10.97
CA THR A 253 -14.58 -8.34 -10.06
C THR A 253 -15.34 -7.32 -9.19
N PRO A 254 -16.49 -7.71 -8.62
CA PRO A 254 -17.16 -6.81 -7.69
C PRO A 254 -16.27 -6.34 -6.53
N LEU A 255 -15.40 -7.23 -6.04
CA LEU A 255 -14.48 -6.92 -4.95
C LEU A 255 -13.47 -5.84 -5.37
N ALA A 256 -12.87 -6.01 -6.54
CA ALA A 256 -11.95 -4.99 -7.08
C ALA A 256 -12.65 -3.65 -7.31
N GLN A 257 -13.89 -3.68 -7.82
CA GLN A 257 -14.70 -2.45 -7.95
C GLN A 257 -14.87 -1.74 -6.61
N ARG A 258 -15.16 -2.49 -5.55
CA ARG A 258 -15.30 -1.91 -4.21
C ARG A 258 -14.00 -1.26 -3.72
N LEU A 259 -12.88 -1.94 -3.94
CA LEU A 259 -11.56 -1.43 -3.56
C LEU A 259 -11.18 -0.11 -4.24
N LEU A 260 -11.71 0.13 -5.43
CA LEU A 260 -11.42 1.36 -6.18
C LEU A 260 -12.49 2.45 -6.04
N GLY A 261 -13.42 2.29 -5.09
CA GLY A 261 -14.47 3.28 -4.87
C GLY A 261 -15.60 3.28 -5.88
N TRP A 262 -15.74 2.20 -6.66
CA TRP A 262 -16.86 2.02 -7.58
C TRP A 262 -17.90 1.04 -7.01
N ALA A 263 -18.13 1.14 -5.71
CA ALA A 263 -19.21 0.45 -5.01
C ALA A 263 -19.45 1.14 -3.68
N SER A 264 -20.65 0.95 -3.13
CA SER A 264 -20.91 1.38 -1.76
C SER A 264 -20.10 0.54 -0.78
N GLN A 265 -20.05 0.97 0.47
CA GLN A 265 -19.21 0.34 1.49
C GLN A 265 -20.02 0.18 2.76
N ARG A 266 -19.55 -0.72 3.64
CA ARG A 266 -20.22 -1.03 4.90
C ARG A 266 -19.26 -0.89 6.08
N SER A 267 -19.77 -0.33 7.18
CA SER A 267 -19.09 -0.38 8.47
C SER A 267 -19.45 -1.66 9.22
N ALA A 268 -18.74 -1.88 10.32
CA ALA A 268 -18.96 -3.03 11.21
C ALA A 268 -20.02 -2.80 12.29
N ALA A 269 -20.68 -1.64 12.30
CA ALA A 269 -21.75 -1.37 13.27
C ALA A 269 -22.87 -2.41 13.06
N PRO A 270 -23.41 -3.00 14.15
CA PRO A 270 -24.47 -4.03 14.05
C PRO A 270 -25.65 -3.67 13.12
N ARG A 271 -26.08 -2.42 13.15
CA ARG A 271 -27.13 -1.90 12.27
C ARG A 271 -26.51 -0.84 11.36
N ASP A 272 -25.44 -1.23 10.68
CA ASP A 272 -24.73 -0.37 9.72
C ASP A 272 -25.69 0.28 8.71
N ILE A 273 -25.55 1.59 8.50
CA ILE A 273 -26.34 2.32 7.50
C ILE A 273 -25.60 2.57 6.18
N GLY A 274 -24.31 2.28 6.15
CA GLY A 274 -23.54 2.24 4.90
C GLY A 274 -22.84 3.54 4.56
N LEU A 275 -21.89 3.44 3.64
CA LEU A 275 -21.13 4.57 3.12
C LEU A 275 -21.30 4.62 1.60
N LEU A 276 -21.35 5.83 1.05
CA LEU A 276 -21.51 6.06 -0.40
C LEU A 276 -22.76 5.38 -0.97
N THR A 277 -23.86 5.52 -0.23
CA THR A 277 -25.15 4.95 -0.64
C THR A 277 -25.97 6.01 -1.36
N ILE A 278 -27.03 5.59 -2.03
CA ILE A 278 -27.88 6.48 -2.82
C ILE A 278 -29.33 6.13 -2.45
N ARG A 279 -29.87 6.87 -1.48
CA ARG A 279 -31.25 6.70 -1.00
C ARG A 279 -31.56 5.24 -0.63
N GLY A 280 -30.68 4.66 0.19
CA GLY A 280 -30.83 3.28 0.67
C GLY A 280 -30.37 2.18 -0.26
N ASN A 281 -29.89 2.54 -1.46
CA ASN A 281 -29.39 1.59 -2.43
C ASN A 281 -27.92 1.84 -2.73
N SER A 282 -27.24 0.81 -3.23
CA SER A 282 -25.82 0.89 -3.48
C SER A 282 -25.52 1.58 -4.81
N ILE A 283 -24.28 2.06 -4.97
CA ILE A 283 -23.78 2.58 -6.25
C ILE A 283 -23.99 1.58 -7.38
N GLU A 284 -23.56 0.35 -7.14
CA GLU A 284 -23.58 -0.72 -8.14
C GLU A 284 -24.99 -1.08 -8.63
N LYS A 285 -25.97 -1.05 -7.73
CA LYS A 285 -27.38 -1.27 -8.10
C LYS A 285 -27.95 -0.08 -8.89
N THR A 286 -27.69 1.12 -8.38
CA THR A 286 -28.21 2.37 -8.97
C THR A 286 -27.70 2.64 -10.38
N MET A 287 -26.40 2.44 -10.60
CA MET A 287 -25.77 2.70 -11.91
C MET A 287 -25.81 1.47 -12.83
N ASN A 288 -26.36 0.36 -12.34
CA ASN A 288 -26.41 -0.91 -13.06
C ASN A 288 -25.02 -1.29 -13.56
N LEU A 289 -24.08 -1.37 -12.62
CA LEU A 289 -22.68 -1.58 -12.91
C LEU A 289 -22.40 -3.07 -13.13
N LYS A 290 -21.94 -3.41 -14.34
CA LYS A 290 -21.56 -4.79 -14.66
C LYS A 290 -20.21 -5.11 -14.02
N ALA A 291 -19.91 -6.40 -13.94
CA ALA A 291 -18.63 -6.89 -13.42
C ALA A 291 -18.14 -8.09 -14.22
N GLU A 292 -16.83 -8.18 -14.39
CA GLU A 292 -16.17 -9.29 -15.10
C GLU A 292 -16.60 -9.38 -16.58
N GLN A 293 -16.68 -8.23 -17.24
CA GLN A 293 -16.92 -8.13 -18.68
C GLN A 293 -15.58 -7.90 -19.38
N PRO A 294 -15.06 -8.92 -20.12
CA PRO A 294 -13.76 -8.74 -20.79
C PRO A 294 -13.70 -7.54 -21.74
N LEU A 295 -12.51 -6.95 -21.88
CA LEU A 295 -12.28 -5.83 -22.80
C LEU A 295 -12.10 -6.34 -24.23
#